data_9G4U
#
_entry.id   9G4U
#
_cell.length_a   64.082
_cell.length_b   64.082
_cell.length_c   225.609
_cell.angle_alpha   90.00
_cell.angle_beta   90.00
_cell.angle_gamma   120.00
#
_symmetry.space_group_name_H-M   'P 32 2 1'
#
loop_
_entity.id
_entity.type
_entity.pdbx_description
1 polymer 'N6-adenosine-methyltransferase catalytic subunit'
2 polymer 'N6-adenosine-methyltransferase non-catalytic subunit'
3 non-polymer 4-[(3~{R})-3-(cyclobutylmethylamino)piperidin-1-yl]-1-[(1~{R})-1-[4-(5-methoxypyridin-3-yl)-1,2,3-triazol-1-yl]ethyl]pyridin-2-one
4 water water
#
loop_
_entity_poly.entity_id
_entity_poly.type
_entity_poly.pdbx_seq_one_letter_code
_entity_poly.pdbx_strand_id
1 'polypeptide(L)'
;RLFPPQWICCDIRYLDVSILGKFAVVMADPPWDIHMELPYGTLTDDEMRRLNIPVLQDDGFLFLWVTGRAMELGRECLNL
WGYERVDEIIWVKTNQLQRIIRTGRTGHWLNHGKEHCLVGVKGNPQGFNQGLDCDVIVAEVRSTSHKPDEIYGMIERLSP
GTRKIELFGRPHNVQPNWITLGNQLDGIHLLDPDVVARFKQRYPDGIISKP
;
A
2 'polypeptide(L)'
;NDYCQHFVDTGHRPQNFIRDVGLADRFEEYPKLRELIRLKDELIAKSNTPPMYLQADIEAFDIRELTPKFDVILLEPPLE
EYYRETGITANEKCWTWDDIMKLEIDEIAAPRSFIFLWCGSGEGLDLGRVCLRKWGYRRCEDICWIKTNKNNPGKTKTLD
PKAVFQRTKEHCLMGIKGTVKRSTDGDFIHANVDIDLIITEEPEIGNIEKPVEIFHIIEHFCLGRRRLHLFGRDSTIRPG
WLTVGPTLTNSNYNAETYASYFSAPNSYLTGCTEEIERL
;
B
#
# COMPACT_ATOMS: atom_id res chain seq x y z
N ARG A 1 32.58 6.98 -2.16
CA ARG A 1 33.12 6.73 -0.80
C ARG A 1 32.63 5.37 -0.31
N LEU A 2 33.34 4.82 0.70
CA LEU A 2 32.89 3.65 1.43
C LEU A 2 33.37 3.76 2.88
N PHE A 3 32.69 4.62 3.65
CA PHE A 3 32.93 4.76 5.08
C PHE A 3 32.46 3.51 5.81
N PRO A 4 33.23 2.94 6.76
CA PRO A 4 32.83 1.69 7.39
C PRO A 4 31.63 1.86 8.32
N PRO A 5 30.99 0.77 8.77
CA PRO A 5 29.83 0.86 9.67
C PRO A 5 30.08 1.68 10.95
N GLN A 6 29.08 2.47 11.36
CA GLN A 6 29.07 3.21 12.61
C GLN A 6 27.70 3.05 13.25
N TRP A 7 27.65 3.15 14.58
CA TRP A 7 26.41 2.99 15.29
C TRP A 7 26.43 3.67 16.65
N ILE A 8 25.23 3.89 17.19
CA ILE A 8 25.06 4.48 18.51
C ILE A 8 23.93 3.73 19.18
N CYS A 9 24.23 3.04 20.29
CA CYS A 9 23.19 2.48 21.12
C CYS A 9 22.50 3.60 21.90
N CYS A 10 21.18 3.76 21.73
CA CYS A 10 20.50 4.87 22.36
C CYS A 10 18.99 4.65 22.39
N ASP A 11 18.34 5.46 23.21
CA ASP A 11 16.93 5.75 23.04
C ASP A 11 16.82 6.88 22.01
N ILE A 12 16.16 6.57 20.90
CA ILE A 12 16.07 7.48 19.79
C ILE A 12 15.23 8.70 20.18
N ARG A 13 14.40 8.59 21.21
CA ARG A 13 13.62 9.73 21.66
C ARG A 13 14.53 10.83 22.24
N TYR A 14 15.64 10.43 22.86
CA TYR A 14 16.46 11.28 23.72
C TYR A 14 17.76 11.72 23.04
N LEU A 15 18.23 11.01 22.00
CA LEU A 15 19.47 11.40 21.35
C LEU A 15 19.29 12.75 20.66
N ASP A 16 20.30 13.61 20.79
CA ASP A 16 20.38 14.85 20.05
C ASP A 16 20.98 14.53 18.68
N VAL A 17 20.13 14.39 17.67
CA VAL A 17 20.58 13.91 16.37
C VAL A 17 21.24 15.04 15.57
N SER A 18 21.24 16.28 16.08
CA SER A 18 21.90 17.36 15.36
C SER A 18 23.40 17.14 15.30
N ILE A 19 23.96 16.30 16.16
CA ILE A 19 25.40 16.04 16.13
C ILE A 19 25.80 15.17 14.93
N LEU A 20 24.85 14.54 14.23
CA LEU A 20 25.16 13.54 13.20
C LEU A 20 25.36 14.14 11.82
N GLY A 21 24.92 15.38 11.60
CA GLY A 21 25.01 15.98 10.28
C GLY A 21 23.83 15.61 9.38
N LYS A 22 24.07 15.65 8.06
CA LYS A 22 23.03 15.54 7.07
C LYS A 22 23.28 14.29 6.26
N PHE A 23 22.18 13.69 5.81
CA PHE A 23 22.22 12.41 5.15
C PHE A 23 21.41 12.47 3.86
N ALA A 24 21.84 11.70 2.87
CA ALA A 24 21.15 11.63 1.59
C ALA A 24 19.90 10.76 1.72
N VAL A 25 19.95 9.79 2.65
CA VAL A 25 18.88 8.84 2.86
C VAL A 25 18.73 8.58 4.34
N VAL A 26 17.48 8.62 4.81
CA VAL A 26 17.08 8.23 6.14
C VAL A 26 16.19 7.01 5.98
N MET A 27 16.41 5.96 6.79
CA MET A 27 15.45 4.87 6.87
C MET A 27 15.04 4.65 8.32
N ALA A 28 13.75 4.39 8.53
CA ALA A 28 13.24 4.07 9.85
C ALA A 28 12.30 2.89 9.79
N ASP A 29 12.42 2.02 10.80
CA ASP A 29 11.52 0.90 11.01
C ASP A 29 10.95 1.01 12.42
N PRO A 30 10.04 1.97 12.70
CA PRO A 30 9.63 2.28 14.06
C PRO A 30 8.79 1.18 14.70
N PRO A 31 8.89 0.99 16.04
CA PRO A 31 7.94 0.15 16.75
C PRO A 31 6.68 0.96 17.02
N TRP A 32 5.83 1.06 15.98
CA TRP A 32 4.58 1.81 16.00
C TRP A 32 3.66 1.25 17.07
N ASP A 33 2.83 2.15 17.61
CA ASP A 33 1.85 1.81 18.61
C ASP A 33 0.63 1.24 17.90
N ILE A 34 0.73 -0.02 17.49
CA ILE A 34 -0.36 -0.67 16.80
C ILE A 34 -1.31 -1.13 17.91
N HIS A 35 -2.45 -0.43 18.03
CA HIS A 35 -3.22 -0.41 19.27
C HIS A 35 -3.43 -1.82 19.82
N MET A 36 -2.51 -2.29 20.68
CA MET A 36 -2.41 -3.71 20.97
C MET A 36 -1.29 -3.93 21.99
N GLU A 37 -1.43 -4.97 22.83
CA GLU A 37 -0.36 -5.41 23.71
C GLU A 37 0.70 -6.13 22.90
N LEU A 38 1.96 -5.71 23.05
CA LEU A 38 3.06 -6.27 22.29
C LEU A 38 4.20 -6.61 23.24
N PRO A 39 5.06 -7.61 22.91
CA PRO A 39 6.19 -7.95 23.78
C PRO A 39 7.34 -6.94 23.81
N TYR A 40 7.33 -5.95 22.90
CA TYR A 40 8.40 -4.95 22.80
C TYR A 40 7.80 -3.58 23.11
N GLY A 41 8.68 -2.63 23.46
CA GLY A 41 8.24 -1.26 23.66
C GLY A 41 7.94 -0.56 22.35
N THR A 42 6.88 0.24 22.39
CA THR A 42 6.43 1.06 21.28
C THR A 42 6.64 2.52 21.65
N LEU A 43 6.52 3.36 20.61
CA LEU A 43 6.50 4.80 20.73
C LEU A 43 5.06 5.23 20.52
N THR A 44 4.58 6.19 21.33
CA THR A 44 3.27 6.75 21.09
C THR A 44 3.28 7.53 19.79
N ASP A 45 2.07 7.79 19.29
CA ASP A 45 1.92 8.62 18.12
C ASP A 45 2.63 9.97 18.32
N ASP A 46 2.55 10.54 19.54
CA ASP A 46 3.16 11.84 19.81
C ASP A 46 4.68 11.77 19.77
N GLU A 47 5.28 10.73 20.33
CA GLU A 47 6.72 10.54 20.32
C GLU A 47 7.25 10.42 18.90
N MET A 48 6.50 9.72 18.05
CA MET A 48 6.84 9.56 16.65
C MET A 48 6.79 10.91 15.95
N ARG A 49 5.69 11.64 16.12
CA ARG A 49 5.56 12.99 15.59
C ARG A 49 6.72 13.85 16.05
N ARG A 50 7.15 13.70 17.31
CA ARG A 50 8.15 14.60 17.88
C ARG A 50 9.57 14.20 17.45
N LEU A 51 9.80 13.04 16.84
CA LEU A 51 11.17 12.70 16.47
C LEU A 51 11.73 13.81 15.59
N ASN A 52 13.03 14.15 15.81
CA ASN A 52 13.66 15.28 15.14
C ASN A 52 14.23 14.85 13.78
N ILE A 53 13.39 14.19 12.96
CA ILE A 53 13.74 13.79 11.61
C ILE A 53 14.12 14.99 10.74
N PRO A 54 13.46 16.16 10.88
CA PRO A 54 13.74 17.28 10.00
C PRO A 54 15.19 17.77 10.04
N VAL A 55 15.90 17.55 11.15
CA VAL A 55 17.29 18.01 11.24
C VAL A 55 18.24 17.11 10.44
N LEU A 56 17.81 15.89 10.09
CA LEU A 56 18.73 14.90 9.53
C LEU A 56 19.04 15.10 8.05
N GLN A 57 18.22 15.86 7.30
CA GLN A 57 18.42 16.02 5.87
C GLN A 57 18.05 17.43 5.42
N ASP A 58 18.66 17.88 4.32
CA ASP A 58 18.20 19.05 3.60
C ASP A 58 17.55 18.62 2.29
N ASP A 59 18.21 17.69 1.60
CA ASP A 59 17.78 17.22 0.31
C ASP A 59 17.93 15.69 0.30
N GLY A 60 16.84 14.95 0.14
CA GLY A 60 17.01 13.52 -0.01
C GLY A 60 15.74 12.73 0.28
N PHE A 61 15.96 11.46 0.64
CA PHE A 61 14.88 10.47 0.62
C PHE A 61 14.74 9.87 2.01
N LEU A 62 13.49 9.56 2.34
CA LEU A 62 13.11 8.86 3.56
C LEU A 62 12.44 7.56 3.18
N PHE A 63 12.91 6.47 3.76
CA PHE A 63 12.25 5.18 3.70
C PHE A 63 11.66 4.86 5.05
N LEU A 64 10.32 4.76 5.11
CA LEU A 64 9.57 4.57 6.36
C LEU A 64 8.71 3.31 6.30
N TRP A 65 9.09 2.28 7.05
CA TRP A 65 8.29 1.05 7.08
C TRP A 65 6.99 1.33 7.86
N VAL A 66 5.86 0.84 7.33
CA VAL A 66 4.53 1.06 7.89
C VAL A 66 3.71 -0.21 7.78
N THR A 67 2.81 -0.38 8.75
CA THR A 67 1.91 -1.51 8.81
C THR A 67 0.66 -1.06 9.56
N GLY A 68 -0.46 -1.72 9.32
CA GLY A 68 -1.70 -1.45 10.05
C GLY A 68 -2.08 0.02 9.99
N ARG A 69 -2.41 0.61 11.14
CA ARG A 69 -2.85 1.98 11.12
C ARG A 69 -1.69 2.94 10.92
N ALA A 70 -0.45 2.45 11.02
CA ALA A 70 0.71 3.25 10.71
C ALA A 70 0.80 3.54 9.21
N MET A 71 0.02 2.85 8.38
CA MET A 71 -0.07 3.23 6.99
C MET A 71 -0.58 4.67 6.88
N GLU A 72 -1.47 5.05 7.81
CA GLU A 72 -2.00 6.40 7.87
C GLU A 72 -1.11 7.27 8.76
N LEU A 73 -0.74 6.79 9.95
CA LEU A 73 0.06 7.59 10.86
C LEU A 73 1.41 7.90 10.23
N GLY A 74 1.98 6.92 9.54
CA GLY A 74 3.26 7.10 8.88
C GLY A 74 3.18 8.19 7.82
N ARG A 75 2.07 8.24 7.07
CA ARG A 75 1.88 9.33 6.10
C ARG A 75 1.81 10.69 6.81
N GLU A 76 1.13 10.74 7.94
CA GLU A 76 1.04 11.99 8.73
C GLU A 76 2.43 12.46 9.16
N CYS A 77 3.19 11.54 9.74
CA CYS A 77 4.53 11.84 10.17
C CYS A 77 5.39 12.32 9.03
N LEU A 78 5.37 11.56 7.93
CA LEU A 78 6.15 11.91 6.76
C LEU A 78 5.85 13.36 6.36
N ASN A 79 4.57 13.74 6.29
CA ASN A 79 4.22 15.10 5.88
C ASN A 79 4.66 16.11 6.94
N LEU A 80 4.33 15.77 8.18
CA LEU A 80 4.68 16.58 9.36
C LEU A 80 6.18 16.91 9.35
N TRP A 81 7.03 15.92 9.00
CA TRP A 81 8.48 16.08 8.99
C TRP A 81 9.01 16.82 7.77
N GLY A 82 8.15 17.22 6.82
CA GLY A 82 8.58 17.99 5.66
C GLY A 82 8.82 17.18 4.37
N TYR A 83 8.26 15.97 4.29
CA TYR A 83 8.47 15.12 3.12
C TYR A 83 7.19 15.10 2.29
N GLU A 84 7.31 14.87 0.99
CA GLU A 84 6.19 14.40 0.19
C GLU A 84 6.42 12.93 -0.19
N ARG A 85 5.38 12.08 -0.10
CA ARG A 85 5.53 10.67 -0.42
C ARG A 85 5.46 10.46 -1.91
N VAL A 86 6.50 9.87 -2.52
CA VAL A 86 6.59 9.79 -3.96
C VAL A 86 6.71 8.33 -4.44
N ASP A 87 6.78 7.36 -3.55
CA ASP A 87 6.78 5.95 -3.96
C ASP A 87 6.35 5.13 -2.76
N GLU A 88 5.96 3.87 -3.04
CA GLU A 88 5.65 2.94 -1.98
C GLU A 88 6.18 1.57 -2.38
N ILE A 89 7.18 1.07 -1.64
CA ILE A 89 7.77 -0.24 -1.90
C ILE A 89 6.94 -1.28 -1.17
N ILE A 90 6.67 -2.42 -1.80
CA ILE A 90 6.17 -3.54 -1.03
C ILE A 90 7.16 -4.68 -1.07
N TRP A 91 7.28 -5.36 0.07
CA TRP A 91 8.07 -6.57 0.16
C TRP A 91 7.13 -7.77 0.25
N VAL A 92 7.12 -8.56 -0.84
CA VAL A 92 6.43 -9.86 -0.85
C VAL A 92 7.30 -10.89 -0.15
N LYS A 93 6.77 -11.43 0.96
CA LYS A 93 7.49 -12.32 1.85
C LYS A 93 7.33 -13.73 1.32
N THR A 94 8.46 -14.40 1.04
CA THR A 94 8.43 -15.78 0.57
C THR A 94 9.24 -16.68 1.51
N ASN A 95 9.12 -18.00 1.28
CA ASN A 95 10.02 -18.98 1.86
C ASN A 95 11.18 -19.23 0.90
N GLN A 96 11.99 -20.25 1.22
CA GLN A 96 13.17 -20.62 0.43
C GLN A 96 12.77 -21.15 -0.95
N LEU A 97 11.49 -21.49 -1.18
CA LEU A 97 11.08 -21.94 -2.49
C LEU A 97 10.18 -20.92 -3.21
N GLN A 98 10.30 -19.63 -2.84
CA GLN A 98 9.61 -18.53 -3.52
C GLN A 98 8.09 -18.69 -3.47
N ARG A 99 7.58 -19.24 -2.36
CA ARG A 99 6.16 -19.30 -2.10
C ARG A 99 5.84 -18.24 -1.05
N ILE A 100 4.74 -17.53 -1.26
CA ILE A 100 4.34 -16.43 -0.41
C ILE A 100 4.06 -16.97 1.00
N ILE A 101 4.68 -16.37 2.02
CA ILE A 101 4.30 -16.58 3.41
C ILE A 101 3.05 -15.73 3.71
N ARG A 102 2.01 -16.40 4.21
CA ARG A 102 0.68 -15.83 4.34
C ARG A 102 0.20 -15.96 5.78
N THR A 103 0.24 -14.84 6.51
CA THR A 103 -0.17 -14.82 7.91
C THR A 103 -1.45 -14.02 8.07
N GLY A 104 -2.33 -14.53 8.96
CA GLY A 104 -3.61 -13.91 9.26
C GLY A 104 -3.66 -13.41 10.70
N ARG A 105 -4.32 -12.25 10.89
CA ARG A 105 -4.36 -11.53 12.15
C ARG A 105 -5.83 -11.23 12.45
N THR A 106 -6.31 -11.49 13.67
CA THR A 106 -7.73 -11.34 13.98
C THR A 106 -8.12 -9.86 13.94
N GLY A 107 -9.38 -9.61 13.55
CA GLY A 107 -9.84 -8.27 13.22
C GLY A 107 -9.52 -7.87 11.78
N HIS A 108 -8.80 -8.72 11.03
CA HIS A 108 -8.46 -8.44 9.63
C HIS A 108 -9.32 -9.30 8.71
N TRP A 109 -9.51 -8.74 7.52
CA TRP A 109 -10.36 -9.31 6.49
C TRP A 109 -9.57 -10.23 5.58
N LEU A 110 -8.28 -9.90 5.37
CA LEU A 110 -7.44 -10.65 4.45
C LEU A 110 -6.18 -11.10 5.16
N ASN A 111 -5.65 -12.24 4.69
CA ASN A 111 -4.27 -12.62 4.97
C ASN A 111 -3.36 -11.59 4.32
N HIS A 112 -2.20 -11.38 4.94
CA HIS A 112 -1.25 -10.38 4.49
C HIS A 112 -0.02 -11.07 3.91
N GLY A 113 0.34 -10.65 2.70
CA GLY A 113 1.44 -11.24 1.96
C GLY A 113 2.67 -10.34 1.89
N LYS A 114 2.58 -9.11 2.45
CA LYS A 114 3.53 -8.08 2.14
C LYS A 114 3.72 -7.10 3.31
N GLU A 115 4.85 -6.40 3.29
CA GLU A 115 5.12 -5.24 4.12
C GLU A 115 5.35 -4.03 3.23
N HIS A 116 4.98 -2.84 3.72
CA HIS A 116 4.99 -1.62 2.96
C HIS A 116 6.09 -0.73 3.51
N CYS A 117 6.79 -0.05 2.60
CA CYS A 117 7.73 0.98 2.97
C CYS A 117 7.40 2.25 2.16
N LEU A 118 7.03 3.33 2.86
CA LEU A 118 6.79 4.60 2.21
C LEU A 118 8.11 5.23 1.80
N VAL A 119 8.11 5.87 0.63
CA VAL A 119 9.28 6.61 0.18
C VAL A 119 8.91 8.08 0.10
N GLY A 120 9.58 8.91 0.91
CA GLY A 120 9.41 10.33 0.88
C GLY A 120 10.60 11.07 0.31
N VAL A 121 10.33 12.27 -0.19
CA VAL A 121 11.36 13.15 -0.66
C VAL A 121 11.23 14.49 0.04
N LYS A 122 12.39 15.10 0.29
CA LYS A 122 12.49 16.44 0.84
C LYS A 122 13.49 17.21 -0.02
N GLY A 123 13.24 18.48 -0.27
CA GLY A 123 14.25 19.37 -0.83
C GLY A 123 14.50 19.06 -2.32
N ASN A 124 15.73 19.34 -2.78
CA ASN A 124 16.14 19.20 -4.17
C ASN A 124 17.17 18.09 -4.30
N PRO A 125 16.77 16.81 -4.28
CA PRO A 125 17.76 15.74 -4.40
C PRO A 125 18.24 15.74 -5.85
N GLN A 126 19.55 15.80 -6.02
CA GLN A 126 20.16 15.78 -7.34
C GLN A 126 21.22 14.68 -7.39
N GLY A 127 21.36 14.02 -8.56
CA GLY A 127 22.37 13.02 -8.80
C GLY A 127 21.99 11.66 -8.19
N PHE A 128 20.70 11.40 -8.14
CA PHE A 128 20.20 10.11 -7.72
C PHE A 128 19.85 9.34 -8.98
N ASN A 129 19.97 8.02 -8.91
CA ASN A 129 19.64 7.15 -10.04
C ASN A 129 18.24 6.60 -9.90
N GLN A 130 17.27 7.45 -10.25
CA GLN A 130 15.88 7.05 -10.19
C GLN A 130 15.66 5.93 -11.20
N GLY A 131 14.77 4.98 -10.88
CA GLY A 131 14.22 4.08 -11.88
C GLY A 131 15.14 2.90 -12.22
N LEU A 132 16.20 2.67 -11.45
CA LEU A 132 17.04 1.49 -11.63
C LEU A 132 16.35 0.26 -11.05
N ASP A 133 15.72 0.45 -9.89
CA ASP A 133 15.01 -0.64 -9.27
C ASP A 133 13.51 -0.48 -9.47
N CYS A 134 12.77 -1.55 -9.22
CA CYS A 134 11.33 -1.43 -9.20
C CYS A 134 10.85 -1.51 -7.75
N ASP A 135 9.55 -1.26 -7.57
CA ASP A 135 8.93 -1.02 -6.28
C ASP A 135 8.37 -2.31 -5.65
N VAL A 136 8.71 -3.49 -6.18
CA VAL A 136 8.33 -4.73 -5.50
C VAL A 136 9.61 -5.48 -5.11
N ILE A 137 9.74 -5.86 -3.83
CA ILE A 137 10.80 -6.75 -3.36
C ILE A 137 10.20 -8.13 -3.12
N VAL A 138 10.86 -9.18 -3.66
CA VAL A 138 10.53 -10.57 -3.39
C VAL A 138 11.72 -11.20 -2.69
N ALA A 139 11.54 -11.57 -1.41
CA ALA A 139 12.66 -12.01 -0.59
C ALA A 139 12.19 -12.80 0.62
N GLU A 140 13.14 -13.59 1.13
CA GLU A 140 12.90 -14.62 2.11
C GLU A 140 12.75 -14.01 3.51
N VAL A 141 11.71 -14.45 4.22
CA VAL A 141 11.56 -14.09 5.63
C VAL A 141 12.59 -14.89 6.42
N ARG A 142 13.62 -14.20 6.92
CA ARG A 142 14.67 -14.82 7.71
C ARG A 142 14.23 -14.88 9.17
N SER A 143 14.85 -14.06 10.03
CA SER A 143 14.39 -13.89 11.41
C SER A 143 13.04 -13.18 11.41
N THR A 144 12.28 -13.41 12.47
CA THR A 144 11.02 -12.71 12.70
C THR A 144 11.31 -11.22 12.88
N SER A 145 10.46 -10.36 12.29
CA SER A 145 10.47 -8.92 12.44
C SER A 145 11.68 -8.22 11.78
N HIS A 146 12.46 -8.94 10.96
CA HIS A 146 13.58 -8.32 10.26
C HIS A 146 13.07 -7.74 8.94
N LYS A 147 13.81 -6.79 8.37
CA LYS A 147 13.51 -6.32 7.03
C LYS A 147 14.43 -7.08 6.08
N PRO A 148 14.17 -7.11 4.77
CA PRO A 148 15.04 -7.81 3.83
C PRO A 148 16.27 -6.97 3.50
N ASP A 149 17.43 -7.61 3.37
CA ASP A 149 18.67 -6.90 3.07
C ASP A 149 18.67 -6.25 1.69
N GLU A 150 17.82 -6.74 0.79
CA GLU A 150 17.61 -6.14 -0.52
C GLU A 150 17.41 -4.62 -0.45
N ILE A 151 16.74 -4.07 0.59
CA ILE A 151 16.48 -2.64 0.64
C ILE A 151 17.80 -1.85 0.61
N TYR A 152 18.87 -2.38 1.24
CA TYR A 152 20.13 -1.65 1.30
C TYR A 152 20.73 -1.52 -0.10
N GLY A 153 20.61 -2.60 -0.88
CA GLY A 153 21.17 -2.59 -2.22
C GLY A 153 20.42 -1.60 -3.12
N MET A 154 19.08 -1.58 -3.00
CA MET A 154 18.24 -0.64 -3.75
C MET A 154 18.61 0.80 -3.44
N ILE A 155 18.88 1.06 -2.15
CA ILE A 155 19.21 2.39 -1.69
C ILE A 155 20.61 2.78 -2.17
N GLU A 156 21.53 1.82 -2.20
CA GLU A 156 22.89 2.10 -2.63
C GLU A 156 22.92 2.37 -4.14
N ARG A 157 22.11 1.65 -4.91
CA ARG A 157 22.07 1.94 -6.33
C ARG A 157 21.43 3.29 -6.59
N LEU A 158 20.44 3.64 -5.75
CA LEU A 158 19.78 4.93 -5.89
C LEU A 158 20.75 6.08 -5.56
N SER A 159 21.59 5.90 -4.54
CA SER A 159 22.38 6.98 -3.97
C SER A 159 23.76 6.45 -3.56
N PRO A 160 24.61 6.06 -4.52
CA PRO A 160 25.89 5.41 -4.22
C PRO A 160 26.89 6.32 -3.52
N GLY A 161 27.50 5.79 -2.45
CA GLY A 161 28.61 6.46 -1.78
C GLY A 161 28.21 7.58 -0.83
N THR A 162 26.92 7.92 -0.72
CA THR A 162 26.47 9.01 0.16
C THR A 162 26.31 8.49 1.58
N ARG A 163 26.26 9.42 2.56
CA ARG A 163 26.02 9.06 3.97
C ARG A 163 24.54 8.81 4.22
N LYS A 164 24.26 7.79 5.03
CA LYS A 164 22.90 7.34 5.29
C LYS A 164 22.74 7.06 6.77
N ILE A 165 21.49 7.17 7.25
CA ILE A 165 21.20 6.92 8.64
C ILE A 165 19.98 6.01 8.76
N GLU A 166 20.09 5.00 9.62
CA GLU A 166 19.00 4.10 9.94
C GLU A 166 18.59 4.30 11.40
N LEU A 167 17.27 4.43 11.64
CA LEU A 167 16.67 4.50 12.96
C LEU A 167 15.94 3.20 13.27
N PHE A 168 16.11 2.70 14.50
CA PHE A 168 15.51 1.47 15.02
C PHE A 168 16.11 0.26 14.32
N GLY A 169 17.39 0.35 14.01
CA GLY A 169 18.10 -0.72 13.35
C GLY A 169 18.65 -1.71 14.38
N ARG A 170 18.88 -2.93 13.91
CA ARG A 170 19.42 -3.98 14.74
C ARG A 170 20.91 -4.09 14.42
N PRO A 171 21.67 -4.83 15.25
CA PRO A 171 23.10 -5.03 14.97
C PRO A 171 23.47 -5.61 13.61
N HIS A 172 22.66 -6.55 13.12
CA HIS A 172 22.93 -7.14 11.81
C HIS A 172 22.75 -6.11 10.70
N ASN A 173 22.16 -4.94 11.00
CA ASN A 173 21.87 -3.96 9.97
C ASN A 173 23.04 -3.05 9.69
N VAL A 174 24.08 -3.10 10.51
CA VAL A 174 25.12 -2.08 10.42
C VAL A 174 25.84 -2.30 9.10
N GLN A 175 26.30 -1.22 8.46
CA GLN A 175 26.81 -1.31 7.10
C GLN A 175 27.60 -0.10 6.67
N PRO A 176 28.51 -0.26 5.67
CA PRO A 176 29.33 0.83 5.18
C PRO A 176 28.43 1.95 4.67
N ASN A 177 28.79 3.20 4.95
CA ASN A 177 28.05 4.37 4.48
C ASN A 177 26.85 4.68 5.39
N TRP A 178 26.46 3.76 6.28
CA TRP A 178 25.37 3.96 7.22
C TRP A 178 25.87 4.21 8.64
N ILE A 179 25.16 5.08 9.35
CA ILE A 179 25.15 5.14 10.80
C ILE A 179 23.84 4.55 11.26
N THR A 180 23.90 3.60 12.21
CA THR A 180 22.73 2.90 12.68
C THR A 180 22.44 3.31 14.11
N LEU A 181 21.15 3.64 14.41
CA LEU A 181 20.72 3.95 15.75
C LEU A 181 19.67 2.95 16.20
N GLY A 182 19.76 2.58 17.48
CA GLY A 182 18.78 1.72 18.10
C GLY A 182 19.22 1.35 19.52
N ASN A 183 18.33 0.74 20.30
CA ASN A 183 18.66 0.46 21.70
C ASN A 183 19.15 -0.97 21.93
N GLN A 184 19.30 -1.78 20.88
CA GLN A 184 19.86 -3.12 21.04
C GLN A 184 21.27 -3.16 20.48
N LEU A 185 21.81 -2.01 20.11
CA LEU A 185 23.16 -1.99 19.57
C LEU A 185 24.13 -2.06 20.74
N ASP A 186 25.40 -2.30 20.42
CA ASP A 186 26.41 -2.56 21.43
C ASP A 186 27.30 -1.33 21.56
N GLY A 187 26.97 -0.48 22.54
CA GLY A 187 27.69 0.76 22.78
C GLY A 187 27.66 1.70 21.59
N ILE A 188 28.82 2.28 21.26
CA ILE A 188 28.95 3.39 20.32
C ILE A 188 30.19 3.15 19.49
N HIS A 189 30.05 3.23 18.17
CA HIS A 189 31.18 3.09 17.28
C HIS A 189 31.10 4.18 16.22
N LEU A 190 31.93 5.23 16.37
CA LEU A 190 31.92 6.38 15.48
C LEU A 190 33.33 6.65 14.98
N LEU A 191 33.44 6.93 13.68
CA LEU A 191 34.73 7.03 13.02
C LEU A 191 34.83 8.35 12.25
N ASP A 192 33.68 8.86 11.76
CA ASP A 192 33.64 10.13 11.05
C ASP A 192 34.14 11.22 11.99
N PRO A 193 35.25 11.92 11.65
CA PRO A 193 35.85 12.91 12.55
C PRO A 193 34.89 14.03 12.97
N ASP A 194 34.11 14.53 12.01
CA ASP A 194 33.15 15.59 12.25
C ASP A 194 32.16 15.13 13.32
N VAL A 195 31.68 13.88 13.19
CA VAL A 195 30.68 13.34 14.10
C VAL A 195 31.36 13.12 15.45
N VAL A 196 32.61 12.68 15.41
CA VAL A 196 33.31 12.35 16.63
C VAL A 196 33.49 13.63 17.45
N ALA A 197 33.89 14.71 16.80
CA ALA A 197 34.05 16.00 17.48
C ALA A 197 32.71 16.43 18.09
N ARG A 198 31.65 16.51 17.26
CA ARG A 198 30.40 17.05 17.75
C ARG A 198 29.89 16.18 18.89
N PHE A 199 30.10 14.87 18.83
CA PHE A 199 29.60 13.98 19.87
C PHE A 199 30.34 14.24 21.18
N LYS A 200 31.68 14.31 21.12
CA LYS A 200 32.48 14.62 22.30
C LYS A 200 32.00 15.91 22.97
N GLN A 201 31.76 16.98 22.20
CA GLN A 201 31.39 18.26 22.81
C GLN A 201 29.94 18.24 23.29
N ARG A 202 29.01 17.57 22.60
CA ARG A 202 27.65 17.42 23.11
C ARG A 202 27.59 16.46 24.31
N TYR A 203 28.39 15.40 24.30
CA TYR A 203 28.27 14.32 25.28
C TYR A 203 29.64 14.01 25.88
N PRO A 204 30.27 14.97 26.60
CA PRO A 204 31.66 14.80 27.07
C PRO A 204 31.86 13.59 27.97
N ASP A 205 30.82 13.22 28.74
CA ASP A 205 30.90 12.08 29.64
C ASP A 205 30.33 10.82 28.98
N GLY A 206 30.07 10.87 27.67
CA GLY A 206 29.65 9.71 26.91
C GLY A 206 28.24 9.24 27.24
N ILE A 207 27.43 10.08 27.90
CA ILE A 207 26.16 9.62 28.45
C ILE A 207 25.00 10.30 27.73
N ILE A 208 24.02 9.49 27.28
CA ILE A 208 22.92 10.00 26.45
C ILE A 208 21.60 9.89 27.21
N SER A 209 21.34 10.92 28.02
CA SER A 209 20.32 10.91 29.05
C SER A 209 19.01 11.51 28.54
N LYS A 210 17.92 11.24 29.26
CA LYS A 210 16.67 11.96 29.04
C LYS A 210 16.94 13.45 29.22
N PRO A 211 16.73 14.31 28.20
CA PRO A 211 17.30 15.65 28.18
C PRO A 211 16.70 16.64 29.20
N ASN B 1 19.80 -15.13 -5.90
CA ASN B 1 19.46 -14.76 -4.50
C ASN B 1 18.73 -13.42 -4.48
N ASP B 2 19.41 -12.33 -4.85
CA ASP B 2 18.85 -10.99 -4.80
C ASP B 2 18.12 -10.68 -6.11
N TYR B 3 16.79 -10.75 -6.07
CA TYR B 3 15.98 -10.50 -7.27
C TYR B 3 15.91 -9.03 -7.66
N CYS B 4 16.23 -8.09 -6.74
CA CYS B 4 16.32 -6.69 -7.13
C CYS B 4 17.52 -6.46 -8.07
N GLN B 5 18.70 -6.92 -7.65
CA GLN B 5 19.91 -6.93 -8.46
C GLN B 5 19.61 -7.61 -9.79
N HIS B 6 18.89 -8.74 -9.71
CA HIS B 6 18.55 -9.50 -10.91
C HIS B 6 17.68 -8.68 -11.85
N PHE B 7 16.82 -7.82 -11.32
CA PHE B 7 16.01 -6.96 -12.19
C PHE B 7 16.87 -5.90 -12.88
N VAL B 8 17.83 -5.36 -12.13
CA VAL B 8 18.74 -4.36 -12.66
C VAL B 8 19.56 -5.00 -13.79
N ASP B 9 19.96 -6.26 -13.59
CA ASP B 9 20.80 -7.00 -14.52
C ASP B 9 20.04 -7.41 -15.79
N THR B 10 18.77 -7.83 -15.68
CA THR B 10 18.05 -8.52 -16.76
C THR B 10 16.74 -7.85 -17.17
N GLY B 11 16.14 -7.02 -16.31
CA GLY B 11 14.86 -6.42 -16.62
C GLY B 11 13.67 -7.34 -16.29
N HIS B 12 13.95 -8.52 -15.73
CA HIS B 12 12.90 -9.37 -15.17
C HIS B 12 12.56 -8.89 -13.75
N ARG B 13 11.28 -8.56 -13.55
CA ARG B 13 10.81 -8.05 -12.26
C ARG B 13 10.87 -9.17 -11.23
N PRO B 14 11.19 -8.86 -9.96
CA PRO B 14 11.23 -9.90 -8.94
C PRO B 14 9.99 -10.77 -8.85
N GLN B 15 8.83 -10.17 -9.06
CA GLN B 15 7.57 -10.87 -8.94
C GLN B 15 7.43 -11.96 -10.03
N ASN B 16 8.17 -11.84 -11.12
CA ASN B 16 8.21 -12.91 -12.13
C ASN B 16 8.62 -14.24 -11.50
N PHE B 17 9.26 -14.20 -10.32
CA PHE B 17 9.87 -15.39 -9.77
C PHE B 17 9.06 -15.98 -8.64
N ILE B 18 7.97 -15.31 -8.25
CA ILE B 18 7.04 -15.89 -7.28
C ILE B 18 6.42 -17.14 -7.94
N ARG B 19 6.43 -18.24 -7.21
CA ARG B 19 5.87 -19.49 -7.71
C ARG B 19 4.44 -19.65 -7.21
N ASP B 20 3.61 -20.27 -8.06
CA ASP B 20 2.19 -20.50 -7.80
C ASP B 20 1.45 -19.16 -7.80
N VAL B 21 1.64 -18.34 -8.85
CA VAL B 21 1.11 -16.98 -8.91
C VAL B 21 -0.23 -16.91 -8.16
N GLU B 35 -10.09 -26.24 -1.22
CA GLU B 35 -11.04 -26.89 -0.28
C GLU B 35 -12.43 -26.90 -0.90
N LEU B 36 -13.45 -26.73 -0.05
CA LEU B 36 -14.80 -26.43 -0.49
C LEU B 36 -15.01 -24.91 -0.52
N ILE B 37 -13.96 -24.22 -0.96
CA ILE B 37 -14.01 -22.85 -1.47
C ILE B 37 -14.87 -22.82 -2.73
N ARG B 38 -15.11 -24.01 -3.31
CA ARG B 38 -15.92 -24.19 -4.49
C ARG B 38 -17.40 -24.22 -4.11
N LEU B 39 -17.76 -24.99 -3.07
CA LEU B 39 -19.11 -25.03 -2.51
C LEU B 39 -19.61 -23.61 -2.25
N LYS B 40 -18.70 -22.77 -1.77
CA LYS B 40 -18.96 -21.39 -1.43
C LYS B 40 -19.05 -20.52 -2.68
N ASP B 41 -18.23 -20.81 -3.69
CA ASP B 41 -18.38 -20.18 -5.00
C ASP B 41 -19.76 -20.51 -5.57
N GLU B 42 -20.23 -21.74 -5.36
CA GLU B 42 -21.54 -22.18 -5.81
C GLU B 42 -22.67 -21.44 -5.07
N LEU B 43 -22.52 -21.23 -3.77
CA LEU B 43 -23.54 -20.52 -3.02
C LEU B 43 -23.57 -19.05 -3.45
N ILE B 44 -22.39 -18.45 -3.69
CA ILE B 44 -22.36 -17.11 -4.23
C ILE B 44 -23.14 -17.08 -5.55
N ALA B 45 -22.85 -18.03 -6.47
CA ALA B 45 -23.51 -18.06 -7.77
C ALA B 45 -25.02 -18.23 -7.63
N LYS B 46 -25.50 -19.01 -6.66
CA LYS B 46 -26.93 -19.22 -6.51
C LYS B 46 -27.61 -18.02 -5.85
N SER B 47 -26.88 -17.30 -5.01
CA SER B 47 -27.39 -16.12 -4.33
C SER B 47 -27.45 -14.92 -5.29
N ASN B 48 -26.57 -14.88 -6.31
CA ASN B 48 -26.33 -13.66 -7.07
C ASN B 48 -27.62 -13.18 -7.72
N THR B 49 -27.88 -11.87 -7.62
CA THR B 49 -28.92 -11.24 -8.41
C THR B 49 -28.54 -11.36 -9.88
N PRO B 50 -29.51 -11.26 -10.82
CA PRO B 50 -29.19 -11.06 -12.23
C PRO B 50 -28.33 -9.82 -12.42
N PRO B 51 -27.43 -9.82 -13.40
CA PRO B 51 -26.59 -8.67 -13.66
C PRO B 51 -27.47 -7.48 -14.04
N MET B 52 -27.17 -6.31 -13.48
CA MET B 52 -27.89 -5.11 -13.81
C MET B 52 -26.88 -4.06 -14.18
N TYR B 53 -27.28 -3.12 -15.02
CA TYR B 53 -26.30 -2.20 -15.57
C TYR B 53 -27.03 -0.99 -16.11
N LEU B 54 -26.32 0.13 -16.10
CA LEU B 54 -26.85 1.44 -16.49
C LEU B 54 -25.74 2.30 -17.06
N GLN B 55 -26.01 2.82 -18.25
CA GLN B 55 -25.17 3.82 -18.88
C GLN B 55 -25.51 5.12 -18.18
N ALA B 56 -24.49 5.78 -17.62
CA ALA B 56 -24.71 7.05 -16.96
C ALA B 56 -23.40 7.83 -16.96
N ASP B 57 -23.50 9.12 -17.26
CA ASP B 57 -22.41 10.06 -17.12
C ASP B 57 -22.32 10.43 -15.66
N ILE B 58 -21.35 9.84 -14.95
CA ILE B 58 -21.31 9.91 -13.50
C ILE B 58 -21.07 11.36 -13.03
N GLU B 59 -20.47 12.22 -13.86
CA GLU B 59 -20.30 13.63 -13.50
C GLU B 59 -21.63 14.37 -13.53
N ALA B 60 -22.45 14.12 -14.57
CA ALA B 60 -23.70 14.85 -14.79
C ALA B 60 -24.87 14.18 -14.08
N PHE B 61 -24.69 12.91 -13.69
CA PHE B 61 -25.78 12.08 -13.19
C PHE B 61 -25.82 12.28 -11.68
N ASP B 62 -27.04 12.29 -11.12
CA ASP B 62 -27.26 12.41 -9.69
C ASP B 62 -27.24 11.01 -9.06
N ILE B 63 -26.27 10.81 -8.17
CA ILE B 63 -25.89 9.50 -7.68
C ILE B 63 -27.03 8.92 -6.85
N ARG B 64 -27.82 9.78 -6.20
CA ARG B 64 -28.88 9.31 -5.31
C ARG B 64 -29.97 8.53 -6.05
N GLU B 65 -30.04 8.65 -7.38
CA GLU B 65 -31.00 7.85 -8.13
C GLU B 65 -30.70 6.36 -7.99
N LEU B 66 -29.46 6.00 -7.64
CA LEU B 66 -29.08 4.61 -7.46
C LEU B 66 -29.51 4.15 -6.08
N THR B 67 -30.55 3.31 -6.06
CA THR B 67 -31.06 2.79 -4.82
C THR B 67 -31.29 1.29 -5.01
N PRO B 68 -31.39 0.48 -3.93
CA PRO B 68 -31.23 0.98 -2.56
C PRO B 68 -29.76 1.19 -2.20
N LYS B 69 -29.49 1.48 -0.91
CA LYS B 69 -28.13 1.73 -0.44
C LYS B 69 -27.32 0.44 -0.51
N PHE B 70 -26.03 0.58 -0.84
CA PHE B 70 -25.19 -0.56 -1.21
C PHE B 70 -24.39 -1.09 -0.04
N ASP B 71 -24.21 -2.42 -0.07
CA ASP B 71 -23.41 -3.16 0.87
C ASP B 71 -21.93 -3.03 0.50
N VAL B 72 -21.65 -3.01 -0.82
CA VAL B 72 -20.32 -2.95 -1.39
C VAL B 72 -20.33 -1.99 -2.56
N ILE B 73 -19.30 -1.15 -2.62
CA ILE B 73 -19.09 -0.30 -3.76
C ILE B 73 -17.66 -0.52 -4.22
N LEU B 74 -17.52 -0.83 -5.52
CA LEU B 74 -16.25 -0.91 -6.21
C LEU B 74 -16.18 0.32 -7.11
N LEU B 75 -15.12 1.08 -6.96
CA LEU B 75 -15.04 2.36 -7.61
C LEU B 75 -13.75 2.37 -8.42
N GLU B 76 -13.86 2.55 -9.75
CA GLU B 76 -12.75 2.35 -10.65
C GLU B 76 -12.60 3.57 -11.56
N PRO B 77 -12.43 4.79 -11.02
CA PRO B 77 -12.41 5.98 -11.88
C PRO B 77 -11.25 5.88 -12.85
N PRO B 78 -11.45 6.32 -14.10
CA PRO B 78 -10.37 6.28 -15.11
C PRO B 78 -9.31 7.37 -14.91
N LEU B 79 -8.24 7.03 -14.20
CA LEU B 79 -7.14 7.95 -13.92
C LEU B 79 -6.27 8.15 -15.16
N GLU B 80 -5.70 9.35 -15.32
CA GLU B 80 -4.87 9.63 -16.47
C GLU B 80 -3.66 8.69 -16.49
N GLU B 81 -3.16 8.30 -15.32
CA GLU B 81 -2.00 7.43 -15.27
C GLU B 81 -2.28 6.08 -15.98
N TYR B 82 -3.53 5.66 -16.10
CA TYR B 82 -3.83 4.41 -16.77
C TYR B 82 -3.56 4.55 -18.28
N TYR B 83 -3.60 5.78 -18.79
CA TYR B 83 -3.40 6.07 -20.20
C TYR B 83 -2.06 6.75 -20.37
N ARG B 84 -1.06 5.99 -20.79
CA ARG B 84 0.24 6.58 -21.05
C ARG B 84 0.39 6.74 -22.56
N GLU B 85 0.56 5.62 -23.27
CA GLU B 85 0.88 5.64 -24.69
C GLU B 85 -0.35 5.24 -25.49
N LYS B 93 -13.05 11.03 -21.22
CA LYS B 93 -12.03 11.86 -20.52
C LYS B 93 -11.76 11.26 -19.13
N CYS B 94 -10.54 11.48 -18.63
CA CYS B 94 -10.08 10.91 -17.38
C CYS B 94 -10.64 11.70 -16.19
N TRP B 95 -10.70 11.03 -15.05
CA TRP B 95 -11.08 11.65 -13.78
C TRP B 95 -9.83 11.97 -12.96
N THR B 96 -9.76 13.18 -12.43
CA THR B 96 -8.74 13.60 -11.47
C THR B 96 -9.22 13.28 -10.07
N TRP B 97 -8.30 13.38 -9.13
CA TRP B 97 -8.65 13.18 -7.75
C TRP B 97 -9.59 14.27 -7.22
N ASP B 98 -9.53 15.48 -7.80
CA ASP B 98 -10.48 16.56 -7.52
C ASP B 98 -11.90 16.08 -7.83
N ASP B 99 -12.07 15.53 -9.04
CA ASP B 99 -13.34 15.04 -9.52
C ASP B 99 -13.80 13.90 -8.61
N ILE B 100 -12.90 12.97 -8.31
CA ILE B 100 -13.32 11.79 -7.55
C ILE B 100 -13.74 12.17 -6.13
N MET B 101 -12.92 12.98 -5.48
CA MET B 101 -13.18 13.35 -4.09
C MET B 101 -14.54 14.04 -3.94
N LYS B 102 -15.10 14.61 -5.04
CA LYS B 102 -16.35 15.37 -4.99
C LYS B 102 -17.56 14.48 -5.26
N LEU B 103 -17.34 13.18 -5.56
CA LEU B 103 -18.45 12.23 -5.69
C LEU B 103 -19.15 12.10 -4.35
N GLU B 104 -20.48 11.91 -4.38
CA GLU B 104 -21.27 11.85 -3.17
C GLU B 104 -21.45 10.39 -2.68
N ILE B 105 -20.36 9.68 -2.45
CA ILE B 105 -20.44 8.25 -2.21
C ILE B 105 -21.18 7.93 -0.90
N ASP B 106 -21.05 8.79 0.12
CA ASP B 106 -21.72 8.58 1.39
C ASP B 106 -23.25 8.62 1.20
N GLU B 107 -23.75 9.21 0.11
CA GLU B 107 -25.20 9.30 -0.08
C GLU B 107 -25.80 7.96 -0.54
N ILE B 108 -24.96 7.02 -1.02
CA ILE B 108 -25.51 5.76 -1.53
C ILE B 108 -24.96 4.53 -0.80
N ALA B 109 -24.04 4.70 0.15
CA ALA B 109 -23.50 3.60 0.93
C ALA B 109 -24.43 3.26 2.08
N ALA B 110 -24.64 1.97 2.37
CA ALA B 110 -25.38 1.61 3.56
C ALA B 110 -24.58 1.99 4.81
N PRO B 111 -25.26 2.23 5.96
CA PRO B 111 -24.57 2.63 7.18
C PRO B 111 -23.49 1.63 7.56
N ARG B 112 -23.75 0.34 7.30
CA ARG B 112 -22.73 -0.69 7.36
C ARG B 112 -22.43 -1.12 5.93
N SER B 113 -21.19 -0.88 5.45
CA SER B 113 -20.87 -1.10 4.05
C SER B 113 -19.35 -1.04 3.84
N PHE B 114 -18.94 -1.44 2.64
CA PHE B 114 -17.54 -1.54 2.26
C PHE B 114 -17.33 -0.84 0.93
N ILE B 115 -16.09 -0.41 0.73
CA ILE B 115 -15.72 0.19 -0.53
C ILE B 115 -14.35 -0.36 -0.91
N PHE B 116 -14.13 -0.49 -2.23
CA PHE B 116 -12.88 -0.91 -2.82
C PHE B 116 -12.58 0.12 -3.88
N LEU B 117 -11.49 0.84 -3.69
CA LEU B 117 -11.18 1.95 -4.56
C LEU B 117 -9.83 1.68 -5.22
N TRP B 118 -9.83 1.56 -6.56
CA TRP B 118 -8.60 1.47 -7.34
C TRP B 118 -7.94 2.85 -7.37
N CYS B 119 -6.70 2.92 -6.86
CA CYS B 119 -6.02 4.17 -6.56
C CYS B 119 -4.78 4.35 -7.41
N GLY B 120 -4.39 3.34 -8.20
CA GLY B 120 -3.27 3.52 -9.12
C GLY B 120 -1.98 3.29 -8.36
N SER B 121 -0.94 4.08 -8.65
CA SER B 121 0.40 3.84 -8.11
C SER B 121 1.09 5.13 -7.68
N GLY B 122 0.40 6.26 -7.85
CA GLY B 122 0.96 7.58 -7.62
C GLY B 122 0.30 8.27 -6.44
N GLU B 123 -0.12 9.52 -6.68
CA GLU B 123 -0.70 10.36 -5.63
C GLU B 123 -2.04 9.79 -5.16
N GLY B 124 -2.65 8.91 -5.94
CA GLY B 124 -3.86 8.19 -5.51
C GLY B 124 -3.72 7.45 -4.19
N LEU B 125 -2.53 6.91 -3.88
CA LEU B 125 -2.37 6.16 -2.64
C LEU B 125 -2.62 7.08 -1.42
N ASP B 126 -2.39 8.38 -1.58
CA ASP B 126 -2.67 9.38 -0.55
C ASP B 126 -4.10 9.92 -0.69
N LEU B 127 -4.44 10.40 -1.89
CA LEU B 127 -5.73 11.05 -2.11
C LEU B 127 -6.88 10.07 -1.97
N GLY B 128 -6.65 8.80 -2.34
CA GLY B 128 -7.69 7.80 -2.16
C GLY B 128 -8.04 7.56 -0.70
N ARG B 129 -7.05 7.64 0.17
CA ARG B 129 -7.30 7.55 1.60
C ARG B 129 -8.09 8.77 2.13
N VAL B 130 -7.78 9.97 1.65
CA VAL B 130 -8.56 11.16 1.98
C VAL B 130 -10.01 10.96 1.54
N CYS B 131 -10.19 10.38 0.34
CA CYS B 131 -11.53 10.09 -0.16
C CYS B 131 -12.28 9.16 0.76
N LEU B 132 -11.68 8.00 1.09
CA LEU B 132 -12.35 7.02 1.93
C LEU B 132 -12.84 7.72 3.21
N ARG B 133 -11.94 8.47 3.83
CA ARG B 133 -12.26 9.12 5.11
C ARG B 133 -13.35 10.17 4.90
N LYS B 134 -13.28 10.90 3.78
CA LYS B 134 -14.27 11.91 3.49
C LYS B 134 -15.68 11.31 3.42
N TRP B 135 -15.77 10.06 2.94
CA TRP B 135 -17.03 9.36 2.69
C TRP B 135 -17.44 8.59 3.91
N GLY B 136 -16.63 8.65 4.97
CA GLY B 136 -17.02 8.04 6.21
C GLY B 136 -16.45 6.64 6.40
N TYR B 137 -15.47 6.21 5.58
CA TYR B 137 -14.89 4.90 5.82
C TYR B 137 -13.54 5.01 6.54
N ARG B 138 -13.09 3.90 7.12
CA ARG B 138 -11.69 3.74 7.53
C ARG B 138 -11.01 2.68 6.66
N ARG B 139 -9.78 2.94 6.23
CA ARG B 139 -9.08 2.00 5.37
C ARG B 139 -8.69 0.77 6.19
N CYS B 140 -9.10 -0.44 5.77
CA CYS B 140 -8.82 -1.63 6.58
C CYS B 140 -7.98 -2.67 5.84
N GLU B 141 -7.89 -2.60 4.50
CA GLU B 141 -6.92 -3.41 3.78
C GLU B 141 -6.38 -2.59 2.61
N ASP B 142 -5.19 -2.99 2.18
CA ASP B 142 -4.53 -2.45 1.02
C ASP B 142 -4.20 -3.65 0.12
N ILE B 143 -4.94 -3.81 -0.98
CA ILE B 143 -4.73 -4.92 -1.91
C ILE B 143 -3.83 -4.49 -3.06
N CYS B 144 -2.67 -5.15 -3.23
CA CYS B 144 -1.81 -4.78 -4.34
C CYS B 144 -1.92 -5.77 -5.49
N TRP B 145 -2.17 -5.19 -6.65
CA TRP B 145 -2.07 -5.89 -7.93
C TRP B 145 -0.63 -5.75 -8.44
N ILE B 146 0.11 -6.84 -8.33
CA ILE B 146 1.51 -6.89 -8.72
C ILE B 146 1.57 -7.42 -10.15
N LYS B 147 2.21 -6.67 -11.03
CA LYS B 147 2.25 -7.02 -12.43
C LYS B 147 3.61 -7.59 -12.85
N THR B 148 3.60 -8.83 -13.36
CA THR B 148 4.78 -9.50 -13.89
C THR B 148 5.05 -9.03 -15.33
N ASN B 149 6.31 -9.12 -15.75
CA ASN B 149 6.70 -8.83 -17.12
C ASN B 149 7.45 -10.01 -17.74
N LYS B 150 6.96 -11.23 -17.52
CA LYS B 150 7.61 -12.46 -17.98
C LYS B 150 7.72 -12.48 -19.50
N ASN B 151 6.77 -11.87 -20.20
CA ASN B 151 6.74 -11.91 -21.66
C ASN B 151 7.33 -10.65 -22.27
N ASN B 152 7.91 -9.78 -21.46
CA ASN B 152 8.38 -8.53 -22.00
C ASN B 152 9.46 -7.92 -21.11
N PRO B 153 10.47 -8.70 -20.65
CA PRO B 153 11.53 -8.16 -19.80
C PRO B 153 12.10 -6.85 -20.35
N GLY B 154 12.54 -5.98 -19.43
CA GLY B 154 13.08 -4.67 -19.77
C GLY B 154 11.96 -3.68 -20.10
N LYS B 155 12.06 -3.08 -21.31
CA LYS B 155 10.95 -2.46 -22.03
C LYS B 155 10.13 -1.56 -21.10
N THR B 156 10.80 -0.59 -20.47
CA THR B 156 10.25 0.13 -19.31
C THR B 156 9.56 1.42 -19.77
N LYS B 157 9.08 2.21 -18.79
CA LYS B 157 8.25 3.38 -19.08
C LYS B 157 8.84 4.64 -18.48
N THR B 158 8.43 5.79 -19.03
CA THR B 158 8.77 7.09 -18.50
C THR B 158 8.17 7.24 -17.09
N LEU B 159 9.04 7.23 -16.09
CA LEU B 159 8.69 7.56 -14.72
C LEU B 159 7.83 8.82 -14.68
N ASP B 160 6.71 8.80 -13.93
CA ASP B 160 6.20 10.03 -13.36
C ASP B 160 7.44 10.74 -12.81
N PRO B 161 7.62 12.06 -13.04
CA PRO B 161 8.90 12.70 -12.73
C PRO B 161 9.27 12.71 -11.25
N LYS B 162 8.29 12.42 -10.39
CA LYS B 162 8.51 12.32 -8.95
C LYS B 162 8.91 10.89 -8.55
N ALA B 163 8.68 9.90 -9.45
CA ALA B 163 9.00 8.52 -9.16
C ALA B 163 10.50 8.37 -8.85
N VAL B 164 10.80 7.48 -7.90
CA VAL B 164 12.14 7.09 -7.51
C VAL B 164 12.43 5.70 -8.10
N PHE B 165 11.38 4.88 -8.15
CA PHE B 165 11.45 3.49 -8.61
C PHE B 165 10.53 3.29 -9.81
N GLN B 166 10.76 2.22 -10.56
CA GLN B 166 9.81 1.75 -11.55
C GLN B 166 8.59 1.23 -10.81
N ARG B 167 7.42 1.69 -11.25
CA ARG B 167 6.16 1.35 -10.61
C ARG B 167 5.57 0.13 -11.30
N THR B 168 5.43 -0.98 -10.57
CA THR B 168 5.06 -2.22 -11.20
C THR B 168 3.81 -2.82 -10.53
N LYS B 169 3.06 -1.98 -9.80
CA LYS B 169 1.88 -2.48 -9.09
C LYS B 169 0.82 -1.39 -9.07
N GLU B 170 -0.40 -1.80 -8.72
CA GLU B 170 -1.51 -0.88 -8.51
C GLU B 170 -2.16 -1.28 -7.19
N HIS B 171 -2.73 -0.30 -6.46
CA HIS B 171 -3.36 -0.56 -5.17
C HIS B 171 -4.88 -0.36 -5.25
N CYS B 172 -5.59 -1.27 -4.61
CA CYS B 172 -7.04 -1.18 -4.39
C CYS B 172 -7.30 -1.14 -2.89
N LEU B 173 -7.69 0.04 -2.39
CA LEU B 173 -7.91 0.23 -0.95
C LEU B 173 -9.31 -0.23 -0.56
N MET B 174 -9.37 -1.00 0.52
CA MET B 174 -10.61 -1.44 1.10
C MET B 174 -10.94 -0.61 2.34
N GLY B 175 -12.18 -0.13 2.38
CA GLY B 175 -12.66 0.70 3.48
C GLY B 175 -13.94 0.10 4.03
N ILE B 176 -14.15 0.34 5.32
CA ILE B 176 -15.31 -0.13 6.05
C ILE B 176 -15.95 1.06 6.75
N LYS B 177 -17.28 1.08 6.78
CA LYS B 177 -18.00 1.98 7.66
C LYS B 177 -19.04 1.19 8.42
N GLY B 178 -19.38 1.68 9.61
CA GLY B 178 -20.26 0.99 10.53
C GLY B 178 -19.44 -0.06 11.26
N THR B 179 -20.12 -1.07 11.83
CA THR B 179 -19.44 -2.04 12.67
C THR B 179 -19.44 -3.41 11.99
N VAL B 193 -9.70 -16.37 4.30
CA VAL B 193 -9.76 -16.96 2.92
C VAL B 193 -8.61 -16.41 2.06
N ASP B 194 -8.75 -15.14 1.62
CA ASP B 194 -7.94 -14.57 0.56
C ASP B 194 -6.72 -13.83 1.15
N ILE B 195 -5.75 -13.54 0.26
CA ILE B 195 -4.56 -12.75 0.60
C ILE B 195 -4.69 -11.39 -0.10
N ASP B 196 -3.90 -10.39 0.33
CA ASP B 196 -4.05 -9.02 -0.16
C ASP B 196 -3.15 -8.73 -1.38
N LEU B 197 -2.94 -9.75 -2.23
CA LEU B 197 -2.11 -9.66 -3.42
C LEU B 197 -2.85 -10.30 -4.60
N ILE B 198 -2.78 -9.68 -5.76
CA ILE B 198 -3.17 -10.28 -7.01
C ILE B 198 -1.95 -10.18 -7.91
N ILE B 199 -1.53 -11.29 -8.51
CA ILE B 199 -0.37 -11.28 -9.39
C ILE B 199 -0.81 -11.76 -10.78
N THR B 200 -0.61 -10.90 -11.77
CA THR B 200 -0.92 -11.23 -13.15
C THR B 200 0.14 -10.58 -14.02
N GLU B 201 0.17 -10.98 -15.31
CA GLU B 201 1.06 -10.34 -16.26
C GLU B 201 0.53 -8.94 -16.58
N GLU B 202 1.46 -8.03 -16.79
CA GLU B 202 1.10 -6.66 -17.12
C GLU B 202 0.33 -6.67 -18.44
N PRO B 203 -0.85 -6.03 -18.53
CA PRO B 203 -1.66 -6.02 -19.75
C PRO B 203 -1.00 -5.17 -20.83
N GLU B 204 -1.45 -5.36 -22.08
CA GLU B 204 -0.88 -4.63 -23.21
C GLU B 204 -1.18 -3.16 -23.04
N ILE B 205 -0.40 -2.28 -23.67
CA ILE B 205 -0.52 -0.85 -23.48
C ILE B 205 -1.93 -0.41 -23.88
N GLY B 206 -2.47 0.57 -23.14
CA GLY B 206 -3.81 1.09 -23.38
C GLY B 206 -4.94 0.15 -22.93
N ASN B 207 -4.59 -1.04 -22.41
CA ASN B 207 -5.60 -1.93 -21.84
C ASN B 207 -5.74 -1.58 -20.35
N ILE B 208 -6.95 -1.16 -19.98
CA ILE B 208 -7.19 -0.40 -18.78
C ILE B 208 -7.79 -1.29 -17.71
N GLU B 209 -8.03 -2.56 -18.05
CA GLU B 209 -8.82 -3.45 -17.22
C GLU B 209 -8.03 -3.85 -15.98
N LYS B 210 -8.76 -4.03 -14.88
CA LYS B 210 -8.17 -4.53 -13.66
C LYS B 210 -8.46 -6.02 -13.58
N PRO B 211 -7.66 -6.81 -12.84
CA PRO B 211 -7.87 -8.25 -12.75
C PRO B 211 -9.24 -8.62 -12.16
N VAL B 212 -9.92 -9.57 -12.81
CA VAL B 212 -11.24 -10.00 -12.40
C VAL B 212 -11.17 -10.62 -11.01
N GLU B 213 -9.96 -11.05 -10.61
CA GLU B 213 -9.76 -11.57 -9.27
C GLU B 213 -10.24 -10.62 -8.17
N ILE B 214 -10.31 -9.31 -8.42
CA ILE B 214 -10.78 -8.40 -7.37
C ILE B 214 -12.21 -8.80 -7.01
N PHE B 215 -12.99 -9.26 -7.99
CA PHE B 215 -14.38 -9.62 -7.75
C PHE B 215 -14.45 -10.84 -6.86
N HIS B 216 -13.52 -11.77 -7.08
CA HIS B 216 -13.51 -13.01 -6.33
C HIS B 216 -13.19 -12.67 -4.89
N ILE B 217 -12.20 -11.80 -4.68
CA ILE B 217 -11.89 -11.37 -3.32
C ILE B 217 -13.14 -10.75 -2.66
N ILE B 218 -13.78 -9.82 -3.33
CA ILE B 218 -14.88 -9.07 -2.73
C ILE B 218 -16.02 -10.02 -2.37
N GLU B 219 -16.39 -10.89 -3.33
CA GLU B 219 -17.53 -11.77 -3.16
C GLU B 219 -17.27 -12.79 -2.05
N HIS B 220 -16.01 -13.21 -1.88
CA HIS B 220 -15.65 -14.19 -0.86
C HIS B 220 -15.77 -13.61 0.56
N PHE B 221 -15.81 -12.28 0.71
CA PHE B 221 -15.98 -11.70 2.03
C PHE B 221 -17.42 -11.90 2.54
N CYS B 222 -18.36 -12.23 1.65
CA CYS B 222 -19.76 -12.44 2.04
C CYS B 222 -20.33 -11.22 2.80
N LEU B 223 -20.36 -10.05 2.15
CA LEU B 223 -20.65 -8.78 2.81
C LEU B 223 -22.08 -8.30 2.58
N GLY B 224 -22.85 -9.03 1.77
CA GLY B 224 -24.13 -8.49 1.33
C GLY B 224 -24.27 -8.60 -0.18
N ARG B 225 -25.51 -8.43 -0.64
CA ARG B 225 -25.87 -8.75 -2.01
C ARG B 225 -26.07 -7.49 -2.84
N ARG B 226 -26.10 -6.31 -2.21
CA ARG B 226 -26.22 -5.06 -2.96
C ARG B 226 -24.82 -4.52 -3.30
N ARG B 227 -24.43 -4.69 -4.57
CA ARG B 227 -23.06 -4.54 -5.00
C ARG B 227 -23.06 -3.63 -6.21
N LEU B 228 -22.34 -2.52 -6.09
CA LEU B 228 -22.27 -1.49 -7.11
C LEU B 228 -20.85 -1.41 -7.63
N HIS B 229 -20.76 -1.31 -8.96
CA HIS B 229 -19.48 -1.06 -9.60
C HIS B 229 -19.62 0.25 -10.38
N LEU B 230 -18.93 1.28 -9.88
CA LEU B 230 -18.91 2.56 -10.54
C LEU B 230 -17.72 2.63 -11.48
N PHE B 231 -18.00 3.14 -12.69
CA PHE B 231 -17.08 3.20 -13.82
C PHE B 231 -16.73 1.81 -14.34
N GLY B 232 -17.69 0.88 -14.20
CA GLY B 232 -17.65 -0.39 -14.90
C GLY B 232 -17.87 -0.21 -16.40
N ARG B 233 -17.79 -1.32 -17.15
CA ARG B 233 -17.88 -1.23 -18.60
C ARG B 233 -18.67 -2.46 -19.10
N ASP B 234 -19.01 -2.52 -20.40
CA ASP B 234 -19.70 -3.70 -20.91
C ASP B 234 -18.94 -4.94 -20.48
N SER B 235 -17.60 -4.87 -20.54
CA SER B 235 -16.71 -5.99 -20.28
C SER B 235 -16.64 -6.39 -18.81
N THR B 236 -17.20 -5.61 -17.87
CA THR B 236 -17.04 -5.97 -16.46
C THR B 236 -18.36 -6.44 -15.87
N ILE B 237 -19.43 -6.34 -16.65
CA ILE B 237 -20.77 -6.70 -16.17
C ILE B 237 -20.73 -8.15 -15.71
N ARG B 238 -21.39 -8.41 -14.59
CA ARG B 238 -21.18 -9.64 -13.87
C ARG B 238 -22.44 -9.94 -13.06
N PRO B 239 -22.86 -11.20 -12.93
CA PRO B 239 -23.97 -11.54 -12.03
C PRO B 239 -23.66 -11.07 -10.61
N GLY B 240 -24.69 -10.67 -9.88
CA GLY B 240 -24.49 -10.24 -8.51
C GLY B 240 -24.11 -8.76 -8.35
N TRP B 241 -23.97 -8.03 -9.46
CA TRP B 241 -23.50 -6.67 -9.50
C TRP B 241 -24.43 -5.79 -10.31
N LEU B 242 -24.58 -4.54 -9.84
CA LEU B 242 -25.03 -3.42 -10.64
C LEU B 242 -23.81 -2.64 -11.11
N THR B 243 -23.70 -2.48 -12.43
CA THR B 243 -22.61 -1.81 -13.09
C THR B 243 -23.11 -0.48 -13.62
N VAL B 244 -22.43 0.63 -13.30
CA VAL B 244 -22.83 1.94 -13.81
C VAL B 244 -21.60 2.62 -14.42
N GLY B 245 -21.73 3.10 -15.64
CA GLY B 245 -20.59 3.73 -16.24
C GLY B 245 -20.98 4.44 -17.52
N PRO B 246 -20.13 5.41 -17.95
CA PRO B 246 -20.41 6.17 -19.17
C PRO B 246 -20.36 5.39 -20.47
N THR B 247 -19.56 4.33 -20.56
CA THR B 247 -19.32 3.73 -21.86
C THR B 247 -20.25 2.55 -22.11
N LEU B 248 -21.15 2.23 -21.17
CA LEU B 248 -22.08 1.13 -21.35
C LEU B 248 -22.91 1.40 -22.60
N THR B 249 -23.09 0.35 -23.42
CA THR B 249 -23.84 0.48 -24.66
C THR B 249 -25.32 0.29 -24.40
N ASN B 250 -25.65 -0.45 -23.35
CA ASN B 250 -27.03 -0.75 -23.03
C ASN B 250 -27.26 -0.60 -21.54
N SER B 251 -28.56 -0.48 -21.18
CA SER B 251 -29.02 -0.46 -19.80
C SER B 251 -30.19 -1.43 -19.63
N ASN B 252 -30.35 -1.96 -18.41
CA ASN B 252 -31.55 -2.69 -18.02
C ASN B 252 -31.96 -2.23 -16.62
N TYR B 253 -31.35 -1.16 -16.10
CA TYR B 253 -31.54 -0.87 -14.68
C TYR B 253 -32.94 -0.30 -14.45
N ASN B 254 -33.62 -0.83 -13.44
CA ASN B 254 -34.88 -0.30 -12.92
C ASN B 254 -34.81 -0.37 -11.39
N ALA B 255 -34.97 0.78 -10.74
CA ALA B 255 -34.70 0.89 -9.31
C ALA B 255 -35.66 0.01 -8.51
N GLU B 256 -36.92 -0.01 -8.94
CA GLU B 256 -37.91 -0.84 -8.27
C GLU B 256 -37.62 -2.33 -8.48
N THR B 257 -37.36 -2.72 -9.72
CA THR B 257 -37.01 -4.12 -9.95
C THR B 257 -35.78 -4.47 -9.13
N TYR B 258 -34.79 -3.58 -9.07
CA TYR B 258 -33.55 -3.90 -8.38
C TYR B 258 -33.83 -4.09 -6.88
N ALA B 259 -34.57 -3.13 -6.31
CA ALA B 259 -34.92 -3.19 -4.90
C ALA B 259 -35.68 -4.48 -4.55
N SER B 260 -36.46 -5.00 -5.50
CA SER B 260 -37.26 -6.21 -5.23
C SER B 260 -36.40 -7.45 -5.03
N TYR B 261 -35.16 -7.45 -5.53
CA TYR B 261 -34.25 -8.57 -5.31
C TYR B 261 -33.84 -8.68 -3.84
N PHE B 262 -33.95 -7.58 -3.07
CA PHE B 262 -33.47 -7.56 -1.69
C PHE B 262 -34.60 -7.42 -0.68
N SER B 263 -35.86 -7.55 -1.10
CA SER B 263 -37.00 -7.41 -0.22
C SER B 263 -37.11 -8.67 0.64
N ALA B 264 -37.82 -8.55 1.77
CA ALA B 264 -38.00 -9.66 2.71
C ALA B 264 -38.53 -10.87 1.95
N PRO B 265 -38.17 -12.12 2.32
CA PRO B 265 -37.28 -12.39 3.45
C PRO B 265 -35.76 -12.36 3.21
N ASN B 266 -35.28 -11.68 2.14
CA ASN B 266 -33.89 -11.79 1.70
C ASN B 266 -33.06 -10.54 2.01
N SER B 267 -33.52 -9.70 2.94
CA SER B 267 -32.98 -8.36 3.16
C SER B 267 -31.54 -8.39 3.67
N TYR B 268 -31.19 -9.43 4.43
CA TYR B 268 -29.98 -9.42 5.23
C TYR B 268 -29.05 -10.57 4.85
N LEU B 269 -29.33 -11.24 3.72
CA LEU B 269 -28.49 -12.30 3.18
C LEU B 269 -27.06 -11.77 3.00
N THR B 270 -26.08 -12.64 3.26
CA THR B 270 -24.68 -12.30 3.03
C THR B 270 -24.25 -12.55 1.58
N GLY B 271 -25.04 -13.35 0.83
CA GLY B 271 -24.60 -13.76 -0.49
C GLY B 271 -23.76 -15.04 -0.49
N CYS B 272 -23.57 -15.67 0.68
CA CYS B 272 -22.83 -16.91 0.77
C CYS B 272 -23.65 -18.06 1.36
N THR B 273 -24.98 -17.89 1.46
CA THR B 273 -25.85 -18.91 2.06
C THR B 273 -26.96 -19.30 1.08
N GLU B 274 -27.68 -20.37 1.45
CA GLU B 274 -28.76 -20.93 0.64
C GLU B 274 -29.84 -19.90 0.41
N GLU B 275 -30.44 -19.91 -0.79
CA GLU B 275 -31.66 -19.15 -1.03
C GLU B 275 -32.72 -19.64 -0.05
N ILE B 276 -33.63 -18.74 0.35
CA ILE B 276 -34.69 -19.06 1.28
C ILE B 276 -35.84 -19.68 0.49
N GLU B 277 -36.36 -20.83 0.93
CA GLU B 277 -37.45 -21.49 0.23
C GLU B 277 -38.68 -20.58 0.16
N ARG B 278 -39.31 -20.54 -1.04
CA ARG B 278 -40.63 -19.96 -1.27
C ARG B 278 -41.57 -21.06 -1.78
N LEU B 279 -42.82 -20.68 -2.08
CA LEU B 279 -43.76 -21.53 -2.82
C LEU B 279 -44.31 -20.78 -4.04
#